data_9R0Y
#
_entry.id   9R0Y
#
_cell.length_a   68.383
_cell.length_b   73.350
_cell.length_c   76.955
_cell.angle_alpha   90.000
_cell.angle_beta   90.000
_cell.angle_gamma   90.000
#
_symmetry.space_group_name_H-M   'P 21 21 21'
#
loop_
_entity.id
_entity.type
_entity.pdbx_description
1 polymer 'Metallo-beta-lactamase type 2'
2 non-polymer 'ZINC ION'
3 non-polymer 'SULFATE ION'
4 non-polymer ~{N}-naphthalen-2-yl-2-sulfanyl-ethanamide
5 water water
#
_entity_poly.entity_id   1
_entity_poly.type   'polypeptide(L)'
_entity_poly.pdbx_seq_one_letter_code
;GSHMGEIRPTIGQQMETGDQRFGDLVFRQLAPNVWQHTSYLDMPGFGAVASNGLIVRDGGRVLVVDTAWTDDQTAQILNW
IKQEINLPVALAVVTHAHQDKMGGMDALHAAGIATYANALSNQLAPQEGMVAAQHSLTFAANGWVEPATAPNFGPLKVFY
PGPGHTSDNITVGIDGTDIAFGGCLIKDSKAKSLGNLGDADTEHYAASARAFGAAFPKASMIVMSHSAPDSRAAITHTAR
MADKLR
;
_entity_poly.pdbx_strand_id   A,B
#
loop_
_chem_comp.id
_chem_comp.type
_chem_comp.name
_chem_comp.formula
A1JCK non-polymer ~{N}-naphthalen-2-yl-2-sulfanyl-ethanamide 'C12 H11 N O S'
SO4 non-polymer 'SULFATE ION' 'O4 S -2'
ZN non-polymer 'ZINC ION' 'Zn 2'
#
# COMPACT_ATOMS: atom_id res chain seq x y z
N ASP A 19 -3.00 -23.95 -27.51
CA ASP A 19 -3.11 -22.52 -27.78
C ASP A 19 -4.15 -22.26 -28.88
N GLN A 20 -5.22 -21.55 -28.53
CA GLN A 20 -6.24 -21.16 -29.49
C GLN A 20 -6.04 -19.68 -29.82
N ARG A 21 -5.85 -19.38 -31.11
CA ARG A 21 -5.81 -17.99 -31.54
C ARG A 21 -7.21 -17.48 -31.81
N PHE A 22 -7.48 -16.24 -31.40
CA PHE A 22 -8.79 -15.64 -31.60
C PHE A 22 -8.55 -14.15 -31.72
N GLY A 23 -8.79 -13.61 -32.90
CA GLY A 23 -8.26 -12.28 -33.18
C GLY A 23 -6.76 -12.31 -32.96
N ASP A 24 -6.26 -11.27 -32.32
CA ASP A 24 -4.83 -11.18 -32.03
C ASP A 24 -4.48 -11.70 -30.64
N LEU A 25 -5.41 -12.38 -29.98
CA LEU A 25 -5.19 -12.93 -28.66
C LEU A 25 -5.02 -14.43 -28.71
N VAL A 26 -4.49 -14.98 -27.61
CA VAL A 26 -4.30 -16.41 -27.45
C VAL A 26 -4.95 -16.85 -26.15
N PHE A 27 -5.62 -18.01 -26.21
CA PHE A 27 -6.34 -18.58 -25.08
C PHE A 27 -5.86 -20.02 -24.90
N ARG A 28 -5.54 -20.39 -23.66
CA ARG A 28 -5.01 -21.70 -23.34
C ARG A 28 -5.77 -22.26 -22.15
N GLN A 29 -6.39 -23.41 -22.31
CA GLN A 29 -7.09 -24.03 -21.19
C GLN A 29 -6.06 -24.64 -20.24
N LEU A 30 -6.16 -24.28 -18.96
CA LEU A 30 -5.25 -24.76 -17.93
C LEU A 30 -5.85 -25.84 -17.05
N ALA A 31 -7.18 -25.83 -16.89
CA ALA A 31 -7.91 -26.79 -16.09
C ALA A 31 -9.32 -26.81 -16.63
N PRO A 32 -10.15 -27.78 -16.22
CA PRO A 32 -11.51 -27.84 -16.77
C PRO A 32 -12.25 -26.53 -16.70
N ASN A 33 -12.04 -25.75 -15.64
CA ASN A 33 -12.78 -24.50 -15.47
C ASN A 33 -11.90 -23.25 -15.54
N VAL A 34 -10.68 -23.35 -16.08
CA VAL A 34 -9.75 -22.24 -16.07
C VAL A 34 -9.00 -22.13 -17.39
N TRP A 35 -8.93 -20.89 -17.90
CA TRP A 35 -8.19 -20.59 -19.12
C TRP A 35 -7.28 -19.39 -18.86
N GLN A 36 -6.15 -19.38 -19.55
CA GLN A 36 -5.26 -18.21 -19.58
C GLN A 36 -5.54 -17.39 -20.83
N HIS A 37 -5.74 -16.09 -20.66
CA HIS A 37 -5.82 -15.17 -21.79
C HIS A 37 -4.49 -14.47 -21.96
N THR A 38 -4.09 -14.25 -23.22
CA THR A 38 -2.82 -13.62 -23.54
C THR A 38 -3.06 -12.57 -24.62
N SER A 39 -2.56 -11.37 -24.37
CA SER A 39 -2.63 -10.25 -25.29
C SER A 39 -1.23 -9.68 -25.45
N TYR A 40 -1.01 -9.01 -26.57
CA TYR A 40 0.32 -8.58 -26.97
C TYR A 40 0.31 -7.11 -27.34
N LEU A 41 1.39 -6.42 -26.98
CA LEU A 41 1.57 -5.02 -27.34
C LEU A 41 2.98 -4.80 -27.85
N ASP A 42 3.12 -4.18 -29.03
CA ASP A 42 4.43 -3.80 -29.53
C ASP A 42 4.94 -2.64 -28.69
N MET A 43 6.14 -2.76 -28.21
CA MET A 43 6.80 -1.69 -27.51
C MET A 43 7.97 -1.23 -28.34
N PRO A 44 8.49 -0.03 -28.09
CA PRO A 44 9.65 0.46 -28.86
C PRO A 44 10.81 -0.51 -28.73
N GLY A 45 11.28 -0.98 -29.89
CA GLY A 45 12.41 -1.88 -29.90
C GLY A 45 12.14 -3.31 -29.47
N PHE A 46 10.96 -3.62 -28.93
CA PHE A 46 10.62 -5.00 -28.62
C PHE A 46 9.15 -5.24 -28.98
N GLY A 47 8.94 -6.11 -29.96
CA GLY A 47 7.61 -6.39 -30.43
C GLY A 47 6.88 -7.49 -29.67
N ALA A 48 5.57 -7.37 -29.65
CA ALA A 48 4.67 -8.40 -29.16
C ALA A 48 5.01 -8.82 -27.74
N VAL A 49 4.97 -7.86 -26.82
CA VAL A 49 5.14 -8.17 -25.40
C VAL A 49 3.86 -8.80 -24.88
N ALA A 50 3.98 -10.02 -24.36
CA ALA A 50 2.82 -10.77 -23.90
C ALA A 50 2.43 -10.36 -22.47
N SER A 51 1.13 -10.37 -22.20
CA SER A 51 0.59 -10.29 -20.85
C SER A 51 -0.52 -11.32 -20.71
N ASN A 52 -0.51 -12.04 -19.58
CA ASN A 52 -1.48 -13.10 -19.30
C ASN A 52 -2.41 -12.69 -18.18
N GLY A 53 -3.67 -13.09 -18.31
CA GLY A 53 -4.62 -13.11 -17.21
C GLY A 53 -5.40 -14.41 -17.24
N LEU A 54 -6.49 -14.48 -16.48
CA LEU A 54 -7.24 -15.71 -16.31
C LEU A 54 -8.72 -15.49 -16.61
N ILE A 55 -9.37 -16.61 -16.95
CA ILE A 55 -10.81 -16.69 -17.12
C ILE A 55 -11.24 -17.93 -16.36
N VAL A 56 -12.27 -17.82 -15.53
CA VAL A 56 -12.68 -18.91 -14.65
C VAL A 56 -14.18 -19.12 -14.79
N ARG A 57 -14.59 -20.36 -15.03
CA ARG A 57 -15.99 -20.74 -15.05
C ARG A 57 -16.39 -21.21 -13.66
N ASP A 58 -17.39 -20.54 -13.08
CA ASP A 58 -17.85 -20.78 -11.71
C ASP A 58 -19.35 -21.06 -11.81
N GLY A 59 -19.72 -22.33 -11.99
CA GLY A 59 -21.13 -22.66 -12.14
C GLY A 59 -21.68 -22.04 -13.39
N GLY A 60 -22.67 -21.16 -13.21
CA GLY A 60 -23.37 -20.50 -14.29
C GLY A 60 -22.83 -19.15 -14.69
N ARG A 61 -21.65 -18.77 -14.22
CA ARG A 61 -21.07 -17.47 -14.54
C ARG A 61 -19.58 -17.61 -14.81
N VAL A 62 -19.01 -16.56 -15.39
CA VAL A 62 -17.59 -16.47 -15.67
C VAL A 62 -16.99 -15.29 -14.90
N LEU A 63 -15.76 -15.47 -14.42
CA LEU A 63 -14.99 -14.50 -13.68
C LEU A 63 -13.69 -14.26 -14.43
N VAL A 64 -13.27 -13.01 -14.48
CA VAL A 64 -12.05 -12.64 -15.22
C VAL A 64 -11.02 -12.06 -14.26
N VAL A 65 -9.76 -12.45 -14.42
CA VAL A 65 -8.64 -11.83 -13.72
C VAL A 65 -7.80 -11.10 -14.78
N ASP A 66 -7.75 -9.78 -14.64
CA ASP A 66 -6.97 -8.83 -15.46
C ASP A 66 -7.59 -8.56 -16.82
N THR A 67 -7.48 -7.30 -17.23
CA THR A 67 -7.82 -6.98 -18.60
C THR A 67 -6.66 -7.39 -19.51
N ALA A 68 -6.84 -7.16 -20.83
CA ALA A 68 -5.74 -7.13 -21.78
C ALA A 68 -5.13 -5.74 -21.81
N TRP A 69 -4.12 -5.54 -22.65
CA TRP A 69 -3.45 -4.26 -22.68
C TRP A 69 -4.39 -3.14 -23.10
N THR A 70 -5.32 -3.43 -24.02
CA THR A 70 -6.16 -2.38 -24.58
C THR A 70 -7.65 -2.75 -24.47
N ASP A 71 -8.48 -1.73 -24.65
CA ASP A 71 -9.93 -1.93 -24.67
C ASP A 71 -10.36 -2.87 -25.78
N ASP A 72 -9.84 -2.66 -27.00
CA ASP A 72 -10.20 -3.53 -28.11
C ASP A 72 -9.83 -4.99 -27.81
N GLN A 73 -8.65 -5.21 -27.25
CA GLN A 73 -8.26 -6.58 -26.91
C GLN A 73 -9.16 -7.16 -25.84
N THR A 74 -9.54 -6.35 -24.85
CA THR A 74 -10.38 -6.85 -23.77
C THR A 74 -11.79 -7.15 -24.25
N ALA A 75 -12.29 -6.37 -25.20
CA ALA A 75 -13.54 -6.74 -25.87
C ALA A 75 -13.42 -8.12 -26.53
N GLN A 76 -12.26 -8.43 -27.11
CA GLN A 76 -12.06 -9.74 -27.72
C GLN A 76 -12.04 -10.85 -26.69
N ILE A 77 -11.54 -10.59 -25.48
CA ILE A 77 -11.68 -11.58 -24.41
C ILE A 77 -13.16 -11.89 -24.19
N LEU A 78 -13.99 -10.84 -24.05
CA LEU A 78 -15.41 -11.04 -23.86
C LEU A 78 -16.02 -11.79 -25.03
N ASN A 79 -15.57 -11.47 -26.25
CA ASN A 79 -16.08 -12.17 -27.42
C ASN A 79 -15.71 -13.66 -27.38
N TRP A 80 -14.46 -13.97 -27.02
CA TRP A 80 -14.06 -15.37 -26.91
C TRP A 80 -14.89 -16.10 -25.86
N ILE A 81 -15.14 -15.46 -24.71
CA ILE A 81 -15.95 -16.08 -23.68
C ILE A 81 -17.34 -16.42 -24.20
N LYS A 82 -17.95 -15.47 -24.91
CA LYS A 82 -19.27 -15.71 -25.49
C LYS A 82 -19.24 -16.93 -26.41
N GLN A 83 -18.19 -17.04 -27.23
CA GLN A 83 -18.14 -18.11 -28.21
C GLN A 83 -17.87 -19.46 -27.57
N GLU A 84 -16.92 -19.51 -26.63
CA GLU A 84 -16.39 -20.78 -26.14
C GLU A 84 -17.02 -21.26 -24.85
N ILE A 85 -17.52 -20.34 -24.02
CA ILE A 85 -18.15 -20.69 -22.76
C ILE A 85 -19.64 -20.36 -22.77
N ASN A 86 -19.99 -19.19 -23.29
CA ASN A 86 -21.40 -18.78 -23.43
C ASN A 86 -22.11 -18.75 -22.07
N LEU A 87 -21.48 -18.06 -21.12
CA LEU A 87 -22.07 -17.77 -19.82
C LEU A 87 -21.75 -16.32 -19.50
N PRO A 88 -22.60 -15.64 -18.77
CA PRO A 88 -22.37 -14.22 -18.49
C PRO A 88 -21.14 -14.03 -17.63
N VAL A 89 -20.45 -12.92 -17.88
CA VAL A 89 -19.28 -12.53 -17.10
C VAL A 89 -19.78 -11.70 -15.92
N ALA A 90 -19.63 -12.23 -14.70
CA ALA A 90 -20.23 -11.60 -13.54
C ALA A 90 -19.33 -10.51 -12.94
N LEU A 91 -18.02 -10.68 -13.01
CA LEU A 91 -17.12 -9.69 -12.44
C LEU A 91 -15.70 -9.94 -12.94
N ALA A 92 -14.86 -8.95 -12.73
CA ALA A 92 -13.43 -9.04 -13.02
C ALA A 92 -12.69 -8.45 -11.86
N VAL A 93 -11.51 -9.00 -11.56
N VAL A 93 -11.52 -9.02 -11.56
CA VAL A 93 -10.59 -8.46 -10.58
CA VAL A 93 -10.57 -8.50 -10.61
C VAL A 93 -9.26 -8.21 -11.28
C VAL A 93 -9.31 -8.16 -11.39
N VAL A 94 -8.71 -7.01 -11.09
CA VAL A 94 -7.50 -6.57 -11.79
C VAL A 94 -6.41 -6.36 -10.76
N THR A 95 -5.18 -6.72 -11.13
CA THR A 95 -4.20 -7.00 -10.09
C THR A 95 -3.16 -5.92 -9.83
N HIS A 96 -3.14 -4.83 -10.59
CA HIS A 96 -2.50 -3.58 -10.17
C HIS A 96 -2.68 -2.57 -11.31
N ALA A 97 -2.30 -1.31 -11.00
CA ALA A 97 -2.56 -0.19 -11.92
C ALA A 97 -1.41 0.02 -12.92
N HIS A 98 -1.27 -0.97 -13.80
CA HIS A 98 -0.41 -0.86 -14.97
C HIS A 98 -1.25 -1.26 -16.17
N GLN A 99 -0.76 -0.88 -17.37
CA GLN A 99 -1.60 -0.96 -18.56
C GLN A 99 -1.93 -2.40 -18.95
N ASP A 100 -1.03 -3.34 -18.67
CA ASP A 100 -1.31 -4.72 -19.01
C ASP A 100 -2.46 -5.32 -18.21
N LYS A 101 -2.75 -4.79 -17.03
CA LYS A 101 -3.72 -5.34 -16.11
C LYS A 101 -5.01 -4.55 -16.08
N MET A 102 -4.97 -3.23 -16.38
CA MET A 102 -6.11 -2.34 -16.28
C MET A 102 -6.32 -1.54 -17.55
N GLY A 103 -5.55 -1.79 -18.59
CA GLY A 103 -5.67 -1.00 -19.81
C GLY A 103 -6.99 -1.15 -20.54
N GLY A 104 -7.71 -2.23 -20.31
CA GLY A 104 -8.96 -2.46 -21.00
C GLY A 104 -10.22 -2.34 -20.14
N MET A 105 -10.14 -1.57 -19.05
N MET A 105 -10.13 -1.54 -19.08
CA MET A 105 -11.29 -1.45 -18.17
CA MET A 105 -11.26 -1.41 -18.15
C MET A 105 -12.54 -1.01 -18.92
C MET A 105 -12.53 -0.96 -18.87
N ASP A 106 -12.40 -0.10 -19.87
CA ASP A 106 -13.58 0.44 -20.54
C ASP A 106 -14.41 -0.67 -21.20
N ALA A 107 -13.74 -1.68 -21.77
CA ALA A 107 -14.48 -2.74 -22.41
C ALA A 107 -15.35 -3.48 -21.39
N LEU A 108 -14.84 -3.65 -20.16
CA LEU A 108 -15.63 -4.31 -19.13
C LEU A 108 -16.80 -3.44 -18.71
N HIS A 109 -16.53 -2.15 -18.44
CA HIS A 109 -17.60 -1.26 -17.99
C HIS A 109 -18.63 -1.07 -19.08
N ALA A 110 -18.20 -1.02 -20.35
CA ALA A 110 -19.15 -0.87 -21.44
C ALA A 110 -20.14 -2.02 -21.45
N ALA A 111 -19.67 -3.20 -21.05
CA ALA A 111 -20.46 -4.42 -21.04
C ALA A 111 -21.21 -4.62 -19.73
N GLY A 112 -21.11 -3.67 -18.81
CA GLY A 112 -21.84 -3.78 -17.56
C GLY A 112 -21.24 -4.73 -16.55
N ILE A 113 -19.97 -5.07 -16.67
CA ILE A 113 -19.31 -6.04 -15.81
C ILE A 113 -18.75 -5.32 -14.60
N ALA A 114 -19.11 -5.77 -13.40
CA ALA A 114 -18.57 -5.20 -12.16
C ALA A 114 -17.07 -5.49 -12.04
N THR A 115 -16.30 -4.49 -11.68
CA THR A 115 -14.85 -4.60 -11.58
C THR A 115 -14.37 -4.23 -10.18
N TYR A 116 -13.31 -4.92 -9.76
CA TYR A 116 -12.74 -4.82 -8.44
C TYR A 116 -11.22 -4.73 -8.56
N ALA A 117 -10.62 -3.90 -7.72
CA ALA A 117 -9.18 -3.77 -7.64
C ALA A 117 -8.85 -3.36 -6.22
N ASN A 118 -7.62 -3.63 -5.79
CA ASN A 118 -7.09 -2.99 -4.59
C ASN A 118 -7.45 -1.50 -4.57
N ALA A 119 -7.96 -1.03 -3.42
CA ALA A 119 -8.21 0.40 -3.26
C ALA A 119 -7.03 1.23 -3.73
N LEU A 120 -5.82 0.80 -3.40
CA LEU A 120 -4.64 1.55 -3.80
C LEU A 120 -4.49 1.57 -5.32
N SER A 121 -4.84 0.47 -5.99
CA SER A 121 -4.82 0.47 -7.44
C SER A 121 -5.80 1.49 -8.00
N ASN A 122 -6.99 1.57 -7.43
CA ASN A 122 -7.94 2.58 -7.87
C ASN A 122 -7.42 4.00 -7.58
N GLN A 123 -6.72 4.20 -6.46
CA GLN A 123 -6.16 5.52 -6.19
C GLN A 123 -5.05 5.87 -7.17
N LEU A 124 -4.22 4.89 -7.56
CA LEU A 124 -3.14 5.13 -8.51
C LEU A 124 -3.65 5.28 -9.94
N ALA A 125 -4.78 4.66 -10.26
CA ALA A 125 -5.21 4.60 -11.66
C ALA A 125 -5.13 5.92 -12.39
N PRO A 126 -5.71 7.02 -11.89
CA PRO A 126 -5.66 8.27 -12.66
C PRO A 126 -4.24 8.71 -12.98
N GLN A 127 -3.33 8.60 -12.02
CA GLN A 127 -1.94 9.01 -12.26
C GLN A 127 -1.29 8.15 -13.34
N GLU A 128 -1.75 6.91 -13.48
CA GLU A 128 -1.20 5.96 -14.43
C GLU A 128 -1.95 5.97 -15.76
N GLY A 129 -2.90 6.88 -15.94
CA GLY A 129 -3.71 6.91 -17.15
C GLY A 129 -4.65 5.73 -17.32
N MET A 130 -5.07 5.11 -16.23
CA MET A 130 -5.98 3.98 -16.24
C MET A 130 -7.32 4.42 -15.69
N VAL A 131 -8.36 3.75 -16.15
CA VAL A 131 -9.70 3.87 -15.59
C VAL A 131 -9.76 3.02 -14.34
N ALA A 132 -10.22 3.60 -13.24
CA ALA A 132 -10.32 2.86 -12.00
C ALA A 132 -11.41 1.81 -12.06
N ALA A 133 -11.23 0.73 -11.31
CA ALA A 133 -12.32 -0.22 -11.18
C ALA A 133 -13.46 0.43 -10.41
N GLN A 134 -14.64 -0.18 -10.53
CA GLN A 134 -15.80 0.40 -9.87
C GLN A 134 -15.89 0.12 -8.38
N HIS A 135 -15.14 -0.87 -7.89
CA HIS A 135 -15.17 -1.24 -6.47
C HIS A 135 -13.76 -1.48 -5.99
N SER A 136 -13.56 -1.22 -4.68
CA SER A 136 -12.26 -1.37 -4.06
C SER A 136 -12.20 -2.53 -3.08
N LEU A 137 -11.11 -3.28 -3.14
CA LEU A 137 -10.77 -4.33 -2.21
C LEU A 137 -9.86 -3.77 -1.13
N THR A 138 -10.08 -4.21 0.11
CA THR A 138 -9.17 -3.91 1.22
C THR A 138 -8.76 -5.22 1.86
N PHE A 139 -7.70 -5.16 2.63
CA PHE A 139 -7.00 -6.35 3.07
C PHE A 139 -6.72 -6.29 4.55
N ALA A 140 -6.84 -7.44 5.19
CA ALA A 140 -6.44 -7.60 6.56
C ALA A 140 -4.92 -7.51 6.69
N ALA A 141 -4.47 -7.41 7.94
CA ALA A 141 -3.04 -7.33 8.23
C ALA A 141 -2.32 -8.61 7.84
N ASN A 142 -3.03 -9.73 7.70
CA ASN A 142 -2.42 -10.97 7.26
C ASN A 142 -2.42 -11.13 5.74
N GLY A 143 -2.94 -10.17 5.01
CA GLY A 143 -2.91 -10.14 3.56
C GLY A 143 -4.17 -10.62 2.88
N TRP A 144 -5.02 -11.36 3.57
CA TRP A 144 -6.24 -11.85 2.94
C TRP A 144 -7.24 -10.72 2.71
N VAL A 145 -7.94 -10.78 1.59
CA VAL A 145 -8.96 -9.78 1.33
C VAL A 145 -9.99 -9.79 2.45
N GLU A 146 -10.49 -8.60 2.81
CA GLU A 146 -11.62 -8.47 3.71
C GLU A 146 -12.88 -8.95 3.01
N PRO A 147 -13.58 -9.95 3.53
CA PRO A 147 -14.72 -10.53 2.80
C PRO A 147 -15.81 -9.53 2.48
N ALA A 148 -16.00 -8.51 3.33
CA ALA A 148 -17.01 -7.50 3.04
C ALA A 148 -16.75 -6.80 1.70
N THR A 149 -15.48 -6.76 1.25
CA THR A 149 -15.14 -6.08 0.02
C THR A 149 -15.06 -7.01 -1.18
N ALA A 150 -15.07 -8.33 -0.96
CA ALA A 150 -14.98 -9.30 -2.04
C ALA A 150 -16.11 -10.32 -1.87
N PRO A 151 -17.36 -9.85 -1.83
CA PRO A 151 -18.48 -10.77 -1.68
C PRO A 151 -18.76 -11.50 -3.00
N ASN A 152 -19.13 -12.76 -2.87
CA ASN A 152 -19.55 -13.57 -4.02
C ASN A 152 -18.45 -13.68 -5.08
N PHE A 153 -17.21 -13.89 -4.64
CA PHE A 153 -16.09 -14.08 -5.55
C PHE A 153 -15.91 -15.54 -5.97
N GLY A 154 -16.77 -16.43 -5.52
CA GLY A 154 -16.67 -17.82 -5.91
C GLY A 154 -15.29 -18.33 -5.61
N PRO A 155 -14.64 -18.96 -6.60
CA PRO A 155 -13.33 -19.57 -6.34
C PRO A 155 -12.16 -18.61 -6.35
N LEU A 156 -12.36 -17.32 -6.59
CA LEU A 156 -11.22 -16.40 -6.60
C LEU A 156 -10.88 -16.05 -5.16
N LYS A 157 -9.68 -16.42 -4.70
CA LYS A 157 -9.20 -16.18 -3.35
C LYS A 157 -8.11 -15.13 -3.47
N VAL A 158 -8.44 -13.90 -3.11
CA VAL A 158 -7.56 -12.76 -3.36
C VAL A 158 -6.68 -12.48 -2.14
N PHE A 159 -5.39 -12.27 -2.41
CA PHE A 159 -4.37 -12.11 -1.39
C PHE A 159 -3.43 -10.99 -1.77
N TYR A 160 -3.22 -10.06 -0.84
CA TYR A 160 -2.25 -8.99 -1.00
C TYR A 160 -0.98 -9.44 -0.31
N PRO A 161 0.11 -9.71 -1.03
CA PRO A 161 1.28 -10.31 -0.42
C PRO A 161 2.24 -9.32 0.19
N GLY A 162 2.00 -8.04 -0.02
CA GLY A 162 2.93 -6.99 0.36
C GLY A 162 3.47 -6.31 -0.88
N PRO A 163 4.17 -5.19 -0.68
CA PRO A 163 4.71 -4.47 -1.83
C PRO A 163 5.85 -5.24 -2.47
N GLY A 164 5.94 -5.14 -3.78
CA GLY A 164 6.98 -5.86 -4.49
C GLY A 164 7.19 -5.29 -5.86
N HIS A 165 6.53 -5.87 -6.84
CA HIS A 165 6.55 -5.30 -8.18
C HIS A 165 6.01 -3.87 -8.15
N THR A 166 4.92 -3.67 -7.44
CA THR A 166 4.40 -2.34 -7.12
C THR A 166 3.91 -2.37 -5.68
N SER A 167 3.48 -1.20 -5.18
N SER A 167 3.49 -1.20 -5.19
CA SER A 167 2.88 -1.14 -3.86
CA SER A 167 2.90 -1.14 -3.87
C SER A 167 1.52 -1.81 -3.82
C SER A 167 1.53 -1.81 -3.82
N ASP A 168 0.85 -1.91 -4.97
CA ASP A 168 -0.55 -2.31 -4.99
C ASP A 168 -0.77 -3.73 -5.49
N ASN A 169 0.29 -4.43 -5.89
CA ASN A 169 0.10 -5.73 -6.53
C ASN A 169 -0.67 -6.71 -5.65
N ILE A 170 -1.66 -7.37 -6.25
CA ILE A 170 -2.42 -8.43 -5.58
C ILE A 170 -2.33 -9.72 -6.40
N THR A 171 -2.72 -10.83 -5.76
CA THR A 171 -2.58 -12.17 -6.30
C THR A 171 -3.90 -12.89 -6.10
N VAL A 172 -4.11 -13.95 -6.86
CA VAL A 172 -5.40 -14.66 -6.83
C VAL A 172 -5.19 -16.17 -6.94
N GLY A 173 -5.66 -16.91 -5.94
CA GLY A 173 -5.70 -18.35 -6.00
C GLY A 173 -7.04 -18.78 -6.59
N ILE A 174 -7.04 -19.87 -7.33
CA ILE A 174 -8.26 -20.40 -7.96
C ILE A 174 -8.65 -21.65 -7.19
N ASP A 175 -9.61 -21.49 -6.27
CA ASP A 175 -9.97 -22.56 -5.34
C ASP A 175 -10.38 -23.82 -6.09
N GLY A 176 -9.87 -24.95 -5.61
CA GLY A 176 -10.23 -26.23 -6.16
C GLY A 176 -9.38 -26.67 -7.32
N THR A 177 -8.44 -25.84 -7.73
CA THR A 177 -7.54 -26.18 -8.81
C THR A 177 -6.13 -26.11 -8.26
N ASP A 178 -5.15 -26.54 -9.03
N ASP A 178 -5.19 -26.50 -9.09
CA ASP A 178 -3.79 -26.36 -8.57
CA ASP A 178 -3.78 -26.41 -8.69
C ASP A 178 -3.19 -25.04 -9.03
C ASP A 178 -3.20 -25.01 -8.90
N ILE A 179 -4.01 -24.02 -9.27
CA ILE A 179 -3.55 -22.77 -9.85
C ILE A 179 -3.57 -21.61 -8.85
N ALA A 180 -2.49 -20.85 -8.85
CA ALA A 180 -2.43 -19.55 -8.22
C ALA A 180 -1.80 -18.56 -9.18
N PHE A 181 -2.38 -17.37 -9.24
CA PHE A 181 -1.95 -16.33 -10.16
C PHE A 181 -1.14 -15.28 -9.41
N GLY A 182 0.13 -15.18 -9.73
CA GLY A 182 1.02 -14.20 -9.16
C GLY A 182 1.08 -12.87 -9.88
N GLY A 183 0.42 -12.76 -11.02
CA GLY A 183 0.47 -11.53 -11.77
C GLY A 183 1.91 -11.17 -12.12
N CYS A 184 2.22 -9.89 -12.04
CA CYS A 184 3.55 -9.39 -12.39
C CYS A 184 4.52 -9.48 -11.24
N LEU A 185 4.09 -9.92 -10.06
CA LEU A 185 5.02 -10.08 -8.94
C LEU A 185 5.97 -11.25 -9.16
N ILE A 186 5.50 -12.32 -9.77
CA ILE A 186 6.27 -13.54 -9.97
C ILE A 186 6.67 -13.66 -11.41
N LYS A 187 7.93 -14.05 -11.65
CA LYS A 187 8.46 -14.34 -12.98
C LYS A 187 8.86 -15.81 -12.97
N ASP A 188 9.05 -16.38 -14.16
CA ASP A 188 9.27 -17.82 -14.15
C ASP A 188 10.70 -18.16 -13.79
N SER A 189 10.96 -19.46 -13.65
CA SER A 189 12.26 -19.86 -13.14
C SER A 189 13.39 -19.67 -14.14
N LYS A 190 13.12 -19.30 -15.39
CA LYS A 190 14.12 -18.96 -16.36
C LYS A 190 14.41 -17.46 -16.41
N ALA A 191 13.73 -16.67 -15.58
CA ALA A 191 13.89 -15.22 -15.64
C ALA A 191 15.30 -14.81 -15.23
N LYS A 192 15.76 -13.73 -15.84
CA LYS A 192 17.07 -13.18 -15.55
C LYS A 192 17.01 -11.91 -14.72
N SER A 193 15.86 -11.25 -14.68
CA SER A 193 15.73 -10.02 -13.90
C SER A 193 14.26 -9.83 -13.53
N LEU A 194 14.03 -8.96 -12.55
CA LEU A 194 12.69 -8.65 -12.10
C LEU A 194 12.07 -7.48 -12.85
N GLY A 195 12.85 -6.74 -13.62
CA GLY A 195 12.32 -5.56 -14.29
C GLY A 195 11.68 -4.65 -13.27
N ASN A 196 12.36 -4.46 -12.14
N ASN A 196 12.39 -4.36 -12.18
CA ASN A 196 11.92 -3.54 -11.12
CA ASN A 196 11.87 -3.56 -11.07
C ASN A 196 12.37 -2.13 -11.46
C ASN A 196 11.12 -2.29 -11.49
N LEU A 197 11.60 -1.16 -10.98
CA LEU A 197 11.51 0.20 -11.49
C LEU A 197 11.29 1.03 -10.25
N GLY A 198 11.00 2.32 -10.40
CA GLY A 198 10.93 3.19 -9.23
C GLY A 198 9.82 2.82 -8.27
N ASP A 199 8.75 2.23 -8.79
CA ASP A 199 7.59 1.87 -7.98
C ASP A 199 7.69 0.46 -7.40
N ALA A 200 8.78 -0.26 -7.66
CA ALA A 200 9.04 -1.51 -6.97
C ALA A 200 9.55 -1.22 -5.57
N ASP A 201 9.21 -2.09 -4.64
CA ASP A 201 9.73 -2.05 -3.28
C ASP A 201 10.77 -3.15 -3.24
N THR A 202 12.05 -2.78 -3.35
CA THR A 202 13.12 -3.78 -3.41
C THR A 202 13.52 -4.26 -2.02
N GLU A 203 13.11 -3.56 -0.96
CA GLU A 203 13.35 -4.07 0.39
C GLU A 203 12.42 -5.23 0.71
N HIS A 204 11.16 -5.14 0.30
CA HIS A 204 10.14 -6.13 0.67
C HIS A 204 9.78 -7.14 -0.41
N TYR A 205 10.29 -6.97 -1.63
CA TYR A 205 9.90 -7.83 -2.74
C TYR A 205 10.06 -9.31 -2.39
N ALA A 206 11.23 -9.68 -1.85
CA ALA A 206 11.49 -11.09 -1.58
C ALA A 206 10.47 -11.67 -0.60
N ALA A 207 10.20 -10.95 0.49
CA ALA A 207 9.22 -11.44 1.45
C ALA A 207 7.82 -11.51 0.86
N SER A 208 7.47 -10.57 -0.02
CA SER A 208 6.15 -10.58 -0.64
C SER A 208 6.01 -11.77 -1.57
N ALA A 209 7.05 -12.05 -2.35
CA ALA A 209 7.04 -13.24 -3.18
C ALA A 209 6.88 -14.51 -2.35
N ARG A 210 7.66 -14.66 -1.26
CA ARG A 210 7.49 -15.83 -0.40
C ARG A 210 6.12 -15.86 0.26
N ALA A 211 5.57 -14.69 0.60
CA ALA A 211 4.25 -14.65 1.21
C ALA A 211 3.17 -15.18 0.28
N PHE A 212 3.28 -14.85 -1.01
CA PHE A 212 2.36 -15.39 -2.01
C PHE A 212 2.45 -16.91 -2.01
N GLY A 213 3.67 -17.44 -1.98
CA GLY A 213 3.82 -18.88 -1.94
C GLY A 213 3.21 -19.49 -0.70
N ALA A 214 3.39 -18.84 0.45
CA ALA A 214 2.87 -19.41 1.70
C ALA A 214 1.36 -19.30 1.77
N ALA A 215 0.79 -18.33 1.05
CA ALA A 215 -0.66 -18.12 1.09
C ALA A 215 -1.39 -19.20 0.29
N PHE A 216 -0.73 -19.75 -0.71
CA PHE A 216 -1.32 -20.76 -1.60
C PHE A 216 -0.42 -22.00 -1.59
N PRO A 217 -0.30 -22.65 -0.44
CA PRO A 217 0.79 -23.64 -0.27
C PRO A 217 0.62 -24.87 -1.14
N LYS A 218 -0.57 -25.18 -1.61
CA LYS A 218 -0.75 -26.38 -2.42
C LYS A 218 -0.93 -26.08 -3.90
N ALA A 219 -0.82 -24.82 -4.31
CA ALA A 219 -0.81 -24.51 -5.74
C ALA A 219 0.44 -25.11 -6.37
N SER A 220 0.27 -25.84 -7.46
CA SER A 220 1.41 -26.39 -8.17
C SER A 220 1.58 -25.81 -9.55
N MET A 221 0.62 -25.00 -10.03
CA MET A 221 0.73 -24.31 -11.30
C MET A 221 0.67 -22.83 -10.99
N ILE A 222 1.78 -22.14 -11.20
CA ILE A 222 1.88 -20.71 -10.95
C ILE A 222 1.71 -20.00 -12.28
N VAL A 223 0.67 -19.22 -12.39
CA VAL A 223 0.39 -18.41 -13.58
C VAL A 223 0.86 -16.99 -13.31
N MET A 224 1.43 -16.37 -14.34
N MET A 224 1.47 -16.36 -14.30
CA MET A 224 2.14 -15.11 -14.20
CA MET A 224 2.03 -15.03 -14.10
C MET A 224 1.82 -14.24 -15.40
C MET A 224 1.87 -14.24 -15.38
N SER A 225 2.07 -12.93 -15.26
CA SER A 225 1.72 -12.06 -16.37
C SER A 225 2.64 -12.22 -17.56
N HIS A 226 3.93 -12.42 -17.34
CA HIS A 226 4.90 -12.28 -18.41
C HIS A 226 5.75 -13.50 -18.64
N SER A 227 5.29 -14.65 -18.15
CA SER A 227 5.87 -15.94 -18.47
C SER A 227 4.73 -16.92 -18.62
N ALA A 228 4.99 -18.01 -19.34
CA ALA A 228 4.06 -19.13 -19.38
C ALA A 228 4.00 -19.79 -18.00
N PRO A 229 2.96 -20.55 -17.72
CA PRO A 229 2.82 -21.14 -16.39
C PRO A 229 4.02 -21.98 -16.02
N ASP A 230 4.37 -21.93 -14.75
CA ASP A 230 5.52 -22.65 -14.22
C ASP A 230 5.09 -23.35 -12.95
N SER A 231 6.01 -24.15 -12.41
CA SER A 231 5.79 -24.79 -11.13
C SER A 231 6.13 -23.80 -10.01
N ARG A 232 6.06 -24.28 -8.76
CA ARG A 232 6.36 -23.41 -7.61
C ARG A 232 7.78 -22.87 -7.61
N ALA A 233 8.69 -23.49 -8.38
CA ALA A 233 10.05 -22.96 -8.48
C ALA A 233 10.05 -21.53 -8.97
N ALA A 234 9.02 -21.09 -9.71
CA ALA A 234 8.97 -19.69 -10.12
C ALA A 234 8.92 -18.77 -8.89
N ILE A 235 8.20 -19.17 -7.85
CA ILE A 235 8.09 -18.35 -6.67
C ILE A 235 9.45 -18.25 -5.99
N THR A 236 10.06 -19.42 -5.73
CA THR A 236 11.34 -19.45 -5.02
C THR A 236 12.43 -18.74 -5.84
N HIS A 237 12.49 -18.99 -7.14
CA HIS A 237 13.49 -18.34 -7.97
C HIS A 237 13.30 -16.84 -7.97
N THR A 238 12.04 -16.37 -8.03
CA THR A 238 11.79 -14.93 -7.96
C THR A 238 12.23 -14.36 -6.64
N ALA A 239 11.93 -15.06 -5.54
CA ALA A 239 12.32 -14.56 -4.22
C ALA A 239 13.83 -14.47 -4.10
N ARG A 240 14.54 -15.47 -4.63
CA ARG A 240 15.99 -15.47 -4.52
C ARG A 240 16.62 -14.35 -5.35
N MET A 241 16.03 -14.04 -6.51
CA MET A 241 16.49 -12.86 -7.24
C MET A 241 16.24 -11.60 -6.44
N ALA A 242 15.08 -11.51 -5.81
CA ALA A 242 14.75 -10.33 -5.03
C ALA A 242 15.64 -10.20 -3.80
N ASP A 243 16.08 -11.33 -3.22
CA ASP A 243 17.00 -11.27 -2.08
C ASP A 243 18.22 -10.42 -2.42
N LYS A 244 18.69 -10.53 -3.67
CA LYS A 244 19.91 -9.83 -4.07
C LYS A 244 19.69 -8.34 -4.27
N LEU A 245 18.43 -7.88 -4.29
CA LEU A 245 18.13 -6.46 -4.47
C LEU A 245 18.09 -5.69 -3.16
N ARG A 246 18.11 -6.37 -2.03
CA ARG A 246 17.95 -5.72 -0.73
C ARG A 246 19.23 -5.02 -0.31
N GLU B 16 14.63 25.63 22.45
CA GLU B 16 13.99 26.92 22.31
C GLU B 16 13.09 27.21 23.50
N THR B 17 13.03 28.47 23.90
CA THR B 17 12.14 28.88 24.98
C THR B 17 10.74 28.31 24.75
N GLY B 18 10.21 27.67 25.79
CA GLY B 18 8.88 27.08 25.75
C GLY B 18 8.89 25.58 25.65
N ASP B 19 9.94 25.00 25.06
CA ASP B 19 10.03 23.55 24.99
C ASP B 19 10.25 22.98 26.39
N GLN B 20 9.61 21.84 26.67
N GLN B 20 9.62 21.84 26.66
CA GLN B 20 9.73 21.15 27.94
CA GLN B 20 9.72 21.14 27.92
C GLN B 20 10.42 19.81 27.74
C GLN B 20 10.44 19.81 27.73
N ARG B 21 10.99 19.29 28.82
CA ARG B 21 11.73 18.04 28.82
C ARG B 21 11.12 17.06 29.81
N PHE B 22 11.01 15.80 29.41
CA PHE B 22 10.73 14.69 30.34
C PHE B 22 11.72 13.60 29.95
N GLY B 23 12.71 13.37 30.79
CA GLY B 23 13.71 12.39 30.44
C GLY B 23 14.46 12.78 29.18
N ASP B 24 14.36 11.93 28.17
CA ASP B 24 15.06 12.11 26.90
C ASP B 24 14.17 12.73 25.85
N LEU B 25 12.93 13.06 26.19
CA LEU B 25 11.92 13.59 25.29
C LEU B 25 11.85 15.11 25.41
N VAL B 26 11.53 15.76 24.29
CA VAL B 26 11.26 17.18 24.21
C VAL B 26 9.86 17.38 23.68
N PHE B 27 9.14 18.34 24.27
CA PHE B 27 7.76 18.67 23.90
C PHE B 27 7.67 20.15 23.58
N ARG B 28 6.91 20.47 22.52
CA ARG B 28 6.68 21.84 22.12
C ARG B 28 5.21 22.00 21.82
N GLN B 29 4.57 22.97 22.47
CA GLN B 29 3.16 23.21 22.21
C GLN B 29 3.03 23.98 20.89
N LEU B 30 2.18 23.46 20.00
CA LEU B 30 1.97 24.04 18.68
C LEU B 30 0.65 24.79 18.56
N ALA B 31 -0.33 24.43 19.37
CA ALA B 31 -1.64 25.08 19.37
C ALA B 31 -2.27 24.79 20.71
N PRO B 32 -3.40 25.43 21.02
CA PRO B 32 -3.99 25.23 22.35
C PRO B 32 -4.12 23.79 22.81
N ASN B 33 -4.42 22.88 21.89
CA ASN B 33 -4.62 21.48 22.22
C ASN B 33 -3.69 20.54 21.47
N VAL B 34 -2.55 21.03 20.96
CA VAL B 34 -1.64 20.19 20.18
C VAL B 34 -0.19 20.41 20.62
N TRP B 35 0.52 19.31 20.87
CA TRP B 35 1.93 19.36 21.18
C TRP B 35 2.69 18.44 20.24
N GLN B 36 3.93 18.79 19.93
CA GLN B 36 4.84 17.92 19.22
C GLN B 36 5.74 17.20 20.22
N HIS B 37 5.85 15.87 20.08
CA HIS B 37 6.81 15.09 20.87
C HIS B 37 8.01 14.78 19.99
N THR B 38 9.20 14.86 20.59
CA THR B 38 10.43 14.64 19.86
C THR B 38 11.31 13.71 20.69
N SER B 39 11.72 12.62 20.04
CA SER B 39 12.62 11.64 20.64
C SER B 39 13.84 11.46 19.74
N TYR B 40 14.87 10.86 20.29
CA TYR B 40 16.16 10.82 19.63
C TYR B 40 16.78 9.44 19.69
N LEU B 41 17.37 9.01 18.58
CA LEU B 41 18.08 7.75 18.50
C LEU B 41 19.47 8.04 17.95
N ASP B 42 20.50 7.49 18.60
CA ASP B 42 21.85 7.67 18.13
C ASP B 42 22.16 6.69 17.01
N MET B 43 22.66 7.21 15.90
CA MET B 43 23.02 6.41 14.72
C MET B 43 24.51 6.55 14.52
N PRO B 44 25.28 5.47 14.56
CA PRO B 44 26.75 5.58 14.54
C PRO B 44 27.22 6.35 13.31
N GLY B 45 28.28 7.15 13.52
CA GLY B 45 28.81 7.99 12.49
C GLY B 45 28.04 9.26 12.23
N PHE B 46 26.80 9.36 12.70
CA PHE B 46 26.00 10.56 12.53
C PHE B 46 25.58 11.20 13.83
N GLY B 47 25.13 10.42 14.81
CA GLY B 47 24.73 10.96 16.08
C GLY B 47 23.23 10.97 16.26
N ALA B 48 22.71 11.90 17.06
CA ALA B 48 21.32 11.84 17.48
C ALA B 48 20.38 12.25 16.35
N VAL B 49 19.42 11.38 16.04
CA VAL B 49 18.43 11.65 15.01
C VAL B 49 17.09 11.88 15.68
N ALA B 50 16.52 13.07 15.44
CA ALA B 50 15.21 13.39 15.98
C ALA B 50 14.09 12.75 15.17
N SER B 51 13.03 12.37 15.87
CA SER B 51 11.77 11.99 15.24
C SER B 51 10.67 12.69 16.01
N ASN B 52 9.72 13.27 15.26
CA ASN B 52 8.59 13.99 15.86
C ASN B 52 7.28 13.25 15.65
N GLY B 53 6.40 13.30 16.65
CA GLY B 53 5.01 12.92 16.56
C GLY B 53 4.13 13.96 17.24
N LEU B 54 2.86 13.66 17.45
CA LEU B 54 1.92 14.63 17.99
C LEU B 54 1.15 14.08 19.17
N ILE B 55 0.68 15.03 19.99
CA ILE B 55 -0.19 14.77 21.12
C ILE B 55 -1.35 15.74 21.00
N VAL B 56 -2.58 15.24 21.08
CA VAL B 56 -3.76 16.07 20.84
C VAL B 56 -4.71 15.91 22.01
N ARG B 57 -5.12 17.03 22.60
CA ARG B 57 -6.12 17.03 23.66
C ARG B 57 -7.48 17.23 23.00
N ASP B 58 -8.38 16.26 23.15
CA ASP B 58 -9.70 16.24 22.53
C ASP B 58 -10.72 16.12 23.65
N GLY B 59 -11.16 17.25 24.19
CA GLY B 59 -12.10 17.23 25.29
C GLY B 59 -11.47 16.59 26.51
N GLY B 60 -12.09 15.51 26.98
CA GLY B 60 -11.62 14.82 28.16
C GLY B 60 -10.64 13.70 27.89
N ARG B 61 -10.03 13.65 26.73
CA ARG B 61 -9.10 12.58 26.43
C ARG B 61 -7.95 13.10 25.59
N VAL B 62 -6.91 12.29 25.50
CA VAL B 62 -5.75 12.59 24.70
C VAL B 62 -5.56 11.53 23.62
N LEU B 63 -5.14 11.96 22.44
CA LEU B 63 -4.87 11.12 21.29
C LEU B 63 -3.39 11.31 20.90
N VAL B 64 -2.71 10.23 20.50
CA VAL B 64 -1.29 10.28 20.17
C VAL B 64 -1.10 9.89 18.73
N VAL B 65 -0.20 10.61 18.03
CA VAL B 65 0.24 10.23 16.70
C VAL B 65 1.71 9.88 16.78
N ASP B 66 2.02 8.61 16.48
CA ASP B 66 3.35 8.03 16.45
C ASP B 66 3.92 7.74 17.83
N THR B 67 4.62 6.61 17.94
CA THR B 67 5.40 6.36 19.14
C THR B 67 6.71 7.16 19.06
N ALA B 68 7.55 6.99 20.06
CA ALA B 68 8.96 7.38 19.99
C ALA B 68 9.78 6.20 19.44
N TRP B 69 11.11 6.36 19.39
CA TRP B 69 11.91 5.30 18.79
C TRP B 69 11.88 4.01 19.60
N THR B 70 11.70 4.11 20.93
CA THR B 70 11.78 2.96 21.79
C THR B 70 10.60 2.90 22.75
N ASP B 71 10.44 1.73 23.39
CA ASP B 71 9.42 1.55 24.41
C ASP B 71 9.64 2.52 25.57
N ASP B 72 10.88 2.59 26.08
N ASP B 72 10.88 2.61 26.06
CA ASP B 72 11.15 3.48 27.21
CA ASP B 72 11.13 3.47 27.21
C ASP B 72 10.82 4.93 26.86
C ASP B 72 10.86 4.94 26.88
N GLN B 73 11.26 5.37 25.67
CA GLN B 73 10.94 6.74 25.25
C GLN B 73 9.45 6.96 25.15
N THR B 74 8.71 5.96 24.65
CA THR B 74 7.26 6.09 24.53
C THR B 74 6.61 6.18 25.90
N ALA B 75 7.09 5.38 26.88
CA ALA B 75 6.60 5.55 28.24
C ALA B 75 6.86 6.95 28.77
N GLN B 76 7.99 7.56 28.39
CA GLN B 76 8.24 8.93 28.83
C GLN B 76 7.19 9.90 28.28
N ILE B 77 6.79 9.73 27.02
CA ILE B 77 5.70 10.54 26.47
C ILE B 77 4.47 10.42 27.35
N LEU B 78 4.10 9.18 27.71
CA LEU B 78 2.85 8.97 28.42
C LEU B 78 2.93 9.56 29.82
N ASN B 79 4.11 9.49 30.44
CA ASN B 79 4.25 10.07 31.75
C ASN B 79 4.24 11.59 31.69
N TRP B 80 4.81 12.19 30.65
CA TRP B 80 4.65 13.63 30.46
C TRP B 80 3.18 14.02 30.25
N ILE B 81 2.42 13.24 29.48
CA ILE B 81 1.01 13.53 29.31
C ILE B 81 0.29 13.52 30.65
N LYS B 82 0.56 12.50 31.47
CA LYS B 82 -0.09 12.42 32.77
C LYS B 82 0.24 13.64 33.63
N GLN B 83 1.49 14.09 33.60
CA GLN B 83 1.86 15.21 34.45
C GLN B 83 1.31 16.53 33.93
N GLU B 84 1.38 16.75 32.62
CA GLU B 84 1.12 18.07 32.07
C GLU B 84 -0.33 18.25 31.65
N ILE B 85 -0.97 17.19 31.15
CA ILE B 85 -2.35 17.25 30.70
C ILE B 85 -3.29 16.54 31.65
N ASN B 86 -2.88 15.40 32.18
CA ASN B 86 -3.68 14.64 33.15
C ASN B 86 -5.07 14.33 32.62
N LEU B 87 -5.11 13.79 31.41
CA LEU B 87 -6.29 13.18 30.83
C LEU B 87 -5.90 11.83 30.25
N PRO B 88 -6.82 10.87 30.23
CA PRO B 88 -6.48 9.55 29.71
C PRO B 88 -6.18 9.58 28.23
N VAL B 89 -5.25 8.72 27.82
CA VAL B 89 -4.91 8.57 26.42
C VAL B 89 -5.81 7.49 25.83
N ALA B 90 -6.73 7.88 24.97
CA ALA B 90 -7.72 6.94 24.44
C ALA B 90 -7.16 6.04 23.34
N LEU B 91 -6.34 6.60 22.45
CA LEU B 91 -5.89 5.87 21.29
C LEU B 91 -4.67 6.54 20.69
N ALA B 92 -3.97 5.77 19.85
CA ALA B 92 -2.84 6.26 19.09
C ALA B 92 -2.96 5.75 17.67
N VAL B 93 -2.50 6.57 16.74
N VAL B 93 -2.55 6.61 16.74
CA VAL B 93 -2.41 6.20 15.32
CA VAL B 93 -2.38 6.29 15.33
C VAL B 93 -0.96 6.41 14.91
C VAL B 93 -0.89 6.34 15.06
N VAL B 94 -0.38 5.37 14.32
CA VAL B 94 1.04 5.35 13.98
C VAL B 94 1.15 5.26 12.47
N THR B 95 2.16 5.96 11.89
CA THR B 95 2.04 6.38 10.50
C THR B 95 2.86 5.61 9.48
N HIS B 96 3.71 4.68 9.90
CA HIS B 96 4.19 3.61 9.02
C HIS B 96 5.09 2.70 9.85
N ALA B 97 5.45 1.57 9.25
CA ALA B 97 6.20 0.52 9.95
C ALA B 97 7.72 0.74 9.83
N HIS B 98 8.18 1.83 10.46
CA HIS B 98 9.59 2.05 10.74
C HIS B 98 9.73 2.35 12.24
N GLN B 99 10.96 2.20 12.74
CA GLN B 99 11.17 2.21 14.19
C GLN B 99 10.83 3.55 14.83
N ASP B 100 11.02 4.66 14.12
CA ASP B 100 10.71 5.95 14.75
C ASP B 100 9.22 6.14 14.98
N LYS B 101 8.38 5.39 14.26
CA LYS B 101 6.94 5.55 14.31
C LYS B 101 6.25 4.44 15.09
N MET B 102 6.83 3.24 15.11
CA MET B 102 6.23 2.08 15.76
C MET B 102 7.16 1.40 16.74
N GLY B 103 8.33 1.97 17.02
CA GLY B 103 9.26 1.33 17.93
C GLY B 103 8.73 1.15 19.33
N GLY B 104 7.74 1.94 19.74
CA GLY B 104 7.23 1.91 21.09
C GLY B 104 5.86 1.30 21.26
N MET B 105 5.42 0.46 20.32
CA MET B 105 4.06 -0.05 20.41
C MET B 105 3.80 -0.79 21.71
N ASP B 106 4.77 -1.59 22.18
CA ASP B 106 4.56 -2.37 23.41
C ASP B 106 4.27 -1.45 24.58
N ALA B 107 4.92 -0.28 24.61
CA ALA B 107 4.68 0.67 25.70
C ALA B 107 3.26 1.24 25.63
N LEU B 108 2.78 1.55 24.41
CA LEU B 108 1.41 2.00 24.29
C LEU B 108 0.45 0.93 24.78
N HIS B 109 0.68 -0.32 24.34
CA HIS B 109 -0.22 -1.40 24.72
C HIS B 109 -0.22 -1.63 26.21
N ALA B 110 0.95 -1.58 26.85
CA ALA B 110 1.06 -1.77 28.30
C ALA B 110 0.29 -0.71 29.06
N ALA B 111 0.16 0.48 28.50
CA ALA B 111 -0.59 1.58 29.11
C ALA B 111 -2.09 1.50 28.82
N GLY B 112 -2.55 0.46 28.14
CA GLY B 112 -3.96 0.31 27.86
C GLY B 112 -4.50 1.16 26.73
N ILE B 113 -3.62 1.63 25.85
CA ILE B 113 -3.98 2.55 24.77
C ILE B 113 -4.30 1.73 23.51
N ALA B 114 -5.48 1.95 22.94
CA ALA B 114 -5.85 1.25 21.72
C ALA B 114 -5.06 1.81 20.55
N THR B 115 -4.45 0.94 19.73
CA THR B 115 -3.58 1.42 18.67
C THR B 115 -4.13 1.05 17.29
N TYR B 116 -3.84 1.96 16.36
CA TYR B 116 -4.31 1.90 14.98
C TYR B 116 -3.16 2.19 14.02
N ALA B 117 -3.10 1.42 12.93
CA ALA B 117 -2.15 1.65 11.85
C ALA B 117 -2.79 1.20 10.54
N ASN B 118 -2.30 1.75 9.43
CA ASN B 118 -2.61 1.18 8.12
C ASN B 118 -2.48 -0.33 8.18
N ALA B 119 -3.47 -1.04 7.61
CA ALA B 119 -3.36 -2.49 7.54
C ALA B 119 -2.01 -2.91 7.00
N LEU B 120 -1.50 -2.21 5.98
CA LEU B 120 -0.21 -2.57 5.38
C LEU B 120 0.93 -2.38 6.38
N SER B 121 0.86 -1.34 7.22
CA SER B 121 1.85 -1.20 8.29
C SER B 121 1.84 -2.41 9.20
N ASN B 122 0.65 -2.89 9.58
CA ASN B 122 0.57 -4.05 10.45
C ASN B 122 1.09 -5.31 9.76
N GLN B 123 0.89 -5.42 8.42
CA GLN B 123 1.42 -6.55 7.67
C GLN B 123 2.95 -6.49 7.60
N LEU B 124 3.52 -5.30 7.45
CA LEU B 124 4.96 -5.15 7.39
C LEU B 124 5.64 -5.23 8.76
N ALA B 125 4.94 -4.88 9.83
CA ALA B 125 5.59 -4.75 11.13
C ALA B 125 6.44 -5.96 11.51
N PRO B 126 5.95 -7.19 11.42
CA PRO B 126 6.82 -8.33 11.78
C PRO B 126 8.11 -8.40 10.97
N GLN B 127 8.05 -8.13 9.66
CA GLN B 127 9.27 -8.15 8.86
C GLN B 127 10.26 -7.07 9.28
N GLU B 128 9.76 -5.98 9.86
CA GLU B 128 10.55 -4.83 10.24
C GLU B 128 11.02 -4.90 11.69
N GLY B 129 10.75 -6.00 12.37
CA GLY B 129 11.07 -6.11 13.77
C GLY B 129 10.16 -5.33 14.69
N MET B 130 8.99 -4.90 14.21
CA MET B 130 8.05 -4.06 14.94
C MET B 130 6.87 -4.89 15.43
N VAL B 131 6.24 -4.42 16.49
CA VAL B 131 4.97 -4.96 16.96
C VAL B 131 3.84 -4.26 16.21
N ALA B 132 2.88 -5.03 15.72
CA ALA B 132 1.76 -4.44 14.99
C ALA B 132 0.81 -3.70 15.94
N ALA B 133 0.07 -2.75 15.38
CA ALA B 133 -1.03 -2.15 16.11
C ALA B 133 -2.15 -3.17 16.29
N GLN B 134 -3.03 -2.88 17.24
CA GLN B 134 -4.15 -3.76 17.55
C GLN B 134 -5.25 -3.72 16.50
N HIS B 135 -5.32 -2.64 15.72
CA HIS B 135 -6.38 -2.47 14.74
C HIS B 135 -5.78 -1.97 13.45
N SER B 136 -6.44 -2.31 12.34
CA SER B 136 -6.00 -1.90 11.03
C SER B 136 -6.94 -0.88 10.42
N LEU B 137 -6.36 0.16 9.87
CA LEU B 137 -7.06 1.17 9.11
C LEU B 137 -7.03 0.79 7.64
N THR B 138 -8.15 0.98 6.96
CA THR B 138 -8.20 0.82 5.51
C THR B 138 -8.72 2.13 4.92
N PHE B 139 -8.51 2.26 3.61
CA PHE B 139 -8.68 3.54 2.94
C PHE B 139 -9.50 3.39 1.69
N ALA B 140 -10.33 4.40 1.43
CA ALA B 140 -11.06 4.51 0.20
C ALA B 140 -10.10 4.77 -0.95
N ALA B 141 -10.64 4.66 -2.17
CA ALA B 141 -9.84 4.92 -3.36
C ALA B 141 -9.43 6.37 -3.48
N ASN B 142 -10.09 7.28 -2.77
CA ASN B 142 -9.69 8.69 -2.75
C ASN B 142 -8.71 9.00 -1.63
N GLY B 143 -8.26 8.00 -0.87
CA GLY B 143 -7.23 8.18 0.14
C GLY B 143 -7.75 8.36 1.56
N TRP B 144 -9.00 8.76 1.73
CA TRP B 144 -9.50 9.02 3.06
C TRP B 144 -9.77 7.70 3.77
N VAL B 145 -9.50 7.68 5.07
CA VAL B 145 -9.68 6.46 5.84
C VAL B 145 -11.16 6.09 5.84
N GLU B 146 -11.42 4.80 5.84
CA GLU B 146 -12.79 4.31 5.97
C GLU B 146 -13.24 4.56 7.39
N PRO B 147 -14.29 5.36 7.62
CA PRO B 147 -14.67 5.68 9.01
C PRO B 147 -14.88 4.47 9.90
N ALA B 148 -15.42 3.39 9.37
CA ALA B 148 -15.72 2.23 10.19
C ALA B 148 -14.46 1.62 10.79
N THR B 149 -13.29 1.89 10.22
CA THR B 149 -12.03 1.39 10.76
C THR B 149 -11.39 2.37 11.72
N ALA B 150 -11.92 3.58 11.83
CA ALA B 150 -11.32 4.65 12.64
C ALA B 150 -12.39 5.21 13.56
N PRO B 151 -12.89 4.40 14.49
CA PRO B 151 -13.98 4.85 15.36
C PRO B 151 -13.50 5.86 16.40
N ASN B 152 -14.32 6.88 16.60
CA ASN B 152 -14.11 7.85 17.68
C ASN B 152 -12.74 8.53 17.57
N PHE B 153 -12.37 8.90 16.36
CA PHE B 153 -11.10 9.56 16.15
C PHE B 153 -11.14 11.06 16.43
N GLY B 154 -12.29 11.60 16.82
CA GLY B 154 -12.39 13.01 17.17
C GLY B 154 -11.85 13.88 16.06
N PRO B 155 -10.91 14.78 16.38
CA PRO B 155 -10.40 15.71 15.36
C PRO B 155 -9.39 15.11 14.39
N LEU B 156 -8.94 13.88 14.57
CA LEU B 156 -7.91 13.32 13.72
C LEU B 156 -8.51 12.91 12.39
N LYS B 157 -8.01 13.48 11.31
CA LYS B 157 -8.48 13.18 9.96
C LYS B 157 -7.36 12.46 9.22
N VAL B 158 -7.53 11.17 9.02
CA VAL B 158 -6.44 10.32 8.56
C VAL B 158 -6.55 10.13 7.06
N PHE B 159 -5.45 10.34 6.34
CA PHE B 159 -5.41 10.35 4.89
C PHE B 159 -4.21 9.56 4.41
N TYR B 160 -4.46 8.62 3.50
CA TYR B 160 -3.38 7.88 2.85
C TYR B 160 -3.09 8.54 1.52
N PRO B 161 -1.94 9.19 1.34
CA PRO B 161 -1.75 10.01 0.15
C PRO B 161 -1.24 9.27 -1.07
N GLY B 162 -0.95 7.98 -0.91
CA GLY B 162 -0.28 7.19 -1.91
C GLY B 162 1.12 6.84 -1.48
N PRO B 163 1.77 5.96 -2.26
CA PRO B 163 3.11 5.51 -1.87
C PRO B 163 4.14 6.60 -2.10
N GLY B 164 5.12 6.65 -1.21
CA GLY B 164 6.15 7.66 -1.36
C GLY B 164 7.38 7.30 -0.57
N HIS B 165 7.46 7.81 0.66
CA HIS B 165 8.54 7.40 1.55
C HIS B 165 8.53 5.89 1.76
N THR B 166 7.34 5.32 1.93
CA THR B 166 7.10 3.88 1.93
C THR B 166 5.76 3.65 1.25
N SER B 167 5.41 2.39 1.11
N SER B 167 5.40 2.38 1.11
CA SER B 167 4.12 2.04 0.55
CA SER B 167 4.10 2.07 0.55
C SER B 167 2.97 2.29 1.51
C SER B 167 2.97 2.36 1.52
N ASP B 168 3.25 2.30 2.82
CA ASP B 168 2.21 2.37 3.83
C ASP B 168 2.07 3.72 4.51
N ASN B 169 2.87 4.71 4.17
CA ASN B 169 2.85 6.00 4.87
C ASN B 169 1.47 6.64 4.86
N ILE B 170 1.04 7.10 6.04
CA ILE B 170 -0.22 7.82 6.20
C ILE B 170 0.04 9.17 6.85
N THR B 171 -0.97 10.04 6.78
CA THR B 171 -0.86 11.41 7.22
C THR B 171 -2.11 11.75 8.03
N VAL B 172 -2.03 12.84 8.80
CA VAL B 172 -3.09 13.16 9.76
C VAL B 172 -3.25 14.67 9.86
N GLY B 173 -4.46 15.16 9.60
CA GLY B 173 -4.82 16.55 9.86
C GLY B 173 -5.57 16.64 11.18
N ILE B 174 -5.42 17.77 11.86
CA ILE B 174 -6.07 17.99 13.15
C ILE B 174 -7.18 19.02 12.95
N ASP B 175 -8.41 18.55 12.93
CA ASP B 175 -9.54 19.45 12.78
C ASP B 175 -9.58 20.44 13.93
N GLY B 176 -10.04 21.66 13.63
CA GLY B 176 -10.03 22.73 14.59
C GLY B 176 -8.72 23.44 14.73
N THR B 177 -7.72 23.09 13.93
CA THR B 177 -6.42 23.72 13.98
C THR B 177 -5.93 23.97 12.57
N ASP B 178 -4.78 24.65 12.46
CA ASP B 178 -4.12 24.88 11.18
C ASP B 178 -3.05 23.84 10.87
N ILE B 179 -3.06 22.71 11.56
CA ILE B 179 -1.96 21.75 11.56
C ILE B 179 -2.29 20.51 10.73
N ALA B 180 -1.35 20.11 9.90
CA ALA B 180 -1.40 18.81 9.24
C ALA B 180 -0.03 18.14 9.40
N PHE B 181 -0.06 16.84 9.67
CA PHE B 181 1.12 16.04 9.94
C PHE B 181 1.43 15.13 8.78
N GLY B 182 2.58 15.37 8.15
CA GLY B 182 3.00 14.55 7.05
C GLY B 182 3.88 13.38 7.40
N GLY B 183 4.23 13.17 8.68
CA GLY B 183 5.11 12.08 9.05
C GLY B 183 6.42 12.16 8.28
N CYS B 184 6.92 11.02 7.84
CA CYS B 184 8.22 10.97 7.15
C CYS B 184 8.10 11.20 5.67
N LEU B 185 6.88 11.36 5.14
CA LEU B 185 6.71 11.67 3.73
C LEU B 185 7.24 13.06 3.39
N ILE B 186 7.05 14.02 4.29
CA ILE B 186 7.33 15.43 4.04
C ILE B 186 8.59 15.82 4.77
N LYS B 187 9.48 16.54 4.07
CA LYS B 187 10.68 17.15 4.62
C LYS B 187 10.51 18.66 4.55
N ASP B 188 11.32 19.42 5.32
CA ASP B 188 11.06 20.86 5.34
C ASP B 188 11.65 21.53 4.09
N SER B 189 11.32 22.82 3.94
CA SER B 189 11.68 23.57 2.75
C SER B 189 13.18 23.80 2.61
N LYS B 190 13.97 23.47 3.62
CA LYS B 190 15.41 23.60 3.55
C LYS B 190 16.12 22.27 3.34
N ALA B 191 15.37 21.17 3.27
CA ALA B 191 15.98 19.85 3.19
C ALA B 191 16.71 19.67 1.87
N LYS B 192 17.82 18.91 1.92
CA LYS B 192 18.63 18.69 0.74
C LYS B 192 18.30 17.40 0.00
N SER B 193 17.73 16.42 0.69
CA SER B 193 17.42 15.13 0.08
C SER B 193 16.28 14.48 0.83
N LEU B 194 15.71 13.44 0.21
CA LEU B 194 14.59 12.73 0.78
C LEU B 194 14.99 11.51 1.60
N GLY B 195 16.22 11.01 1.41
CA GLY B 195 16.65 9.84 2.16
C GLY B 195 15.97 8.57 1.77
N ASN B 196 15.46 8.49 0.55
N ASN B 196 15.41 8.49 0.57
CA ASN B 196 14.73 7.30 0.09
CA ASN B 196 14.66 7.32 0.14
C ASN B 196 15.62 6.07 0.14
C ASN B 196 15.56 6.08 0.09
N LEU B 197 15.01 4.95 0.52
CA LEU B 197 15.66 3.65 0.48
C LEU B 197 14.85 2.74 -0.44
N GLY B 198 15.15 1.45 -0.41
CA GLY B 198 14.55 0.51 -1.36
C GLY B 198 13.04 0.44 -1.30
N ASP B 199 12.45 0.79 -0.16
CA ASP B 199 11.01 0.75 0.04
C ASP B 199 10.31 2.03 -0.34
N ALA B 200 11.02 3.04 -0.82
CA ALA B 200 10.36 4.23 -1.33
C ALA B 200 9.79 3.92 -2.71
N ASP B 201 8.70 4.59 -3.05
CA ASP B 201 8.16 4.56 -4.40
C ASP B 201 8.54 5.89 -5.04
N THR B 202 9.61 5.88 -5.82
CA THR B 202 10.13 7.12 -6.38
C THR B 202 9.35 7.55 -7.61
N GLU B 203 8.51 6.66 -8.16
CA GLU B 203 7.65 7.08 -9.25
C GLU B 203 6.48 7.93 -8.77
N HIS B 204 5.86 7.57 -7.65
CA HIS B 204 4.67 8.24 -7.15
C HIS B 204 4.93 9.21 -6.02
N TYR B 205 6.15 9.29 -5.50
CA TYR B 205 6.44 10.14 -4.33
C TYR B 205 5.91 11.55 -4.55
N ALA B 206 6.25 12.15 -5.69
CA ALA B 206 5.87 13.54 -5.91
C ALA B 206 4.35 13.73 -5.85
N ALA B 207 3.60 12.88 -6.56
CA ALA B 207 2.14 12.99 -6.53
C ALA B 207 1.58 12.72 -5.14
N SER B 208 2.20 11.81 -4.38
CA SER B 208 1.72 11.56 -3.03
C SER B 208 1.94 12.78 -2.13
N ALA B 209 3.11 13.40 -2.23
CA ALA B 209 3.31 14.63 -1.45
C ALA B 209 2.29 15.68 -1.83
N ARG B 210 2.02 15.85 -3.12
CA ARG B 210 1.06 16.86 -3.54
C ARG B 210 -0.34 16.51 -3.09
N ALA B 211 -0.67 15.21 -3.11
CA ALA B 211 -1.99 14.78 -2.62
C ALA B 211 -2.18 15.08 -1.14
N PHE B 212 -1.15 14.90 -0.33
CA PHE B 212 -1.24 15.31 1.07
C PHE B 212 -1.56 16.80 1.18
N GLY B 213 -0.88 17.64 0.40
CA GLY B 213 -1.20 19.05 0.44
C GLY B 213 -2.63 19.32 0.04
N ALA B 214 -3.13 18.62 -0.98
CA ALA B 214 -4.48 18.84 -1.47
C ALA B 214 -5.54 18.32 -0.51
N ALA B 215 -5.20 17.33 0.30
CA ALA B 215 -6.13 16.77 1.27
C ALA B 215 -6.37 17.72 2.43
N PHE B 216 -5.37 18.55 2.74
CA PHE B 216 -5.41 19.49 3.86
C PHE B 216 -5.05 20.87 3.34
N PRO B 217 -5.88 21.41 2.45
CA PRO B 217 -5.46 22.61 1.69
C PRO B 217 -5.41 23.85 2.53
N LYS B 218 -6.02 23.87 3.70
CA LYS B 218 -6.04 25.06 4.54
C LYS B 218 -4.99 25.02 5.63
N ALA B 219 -4.30 23.89 5.78
CA ALA B 219 -3.29 23.79 6.82
C ALA B 219 -2.12 24.70 6.51
N SER B 220 -1.72 25.51 7.48
CA SER B 220 -0.61 26.43 7.29
C SER B 220 0.61 26.04 8.10
N MET B 221 0.47 25.13 9.06
CA MET B 221 1.59 24.60 9.83
C MET B 221 1.71 23.13 9.47
N ILE B 222 2.81 22.77 8.83
CA ILE B 222 3.04 21.39 8.43
C ILE B 222 4.04 20.80 9.41
N VAL B 223 3.62 19.75 10.09
CA VAL B 223 4.47 19.03 11.04
C VAL B 223 4.96 17.75 10.38
N MET B 224 6.22 17.39 10.65
CA MET B 224 6.80 16.25 9.96
C MET B 224 7.77 15.55 10.92
N SER B 225 8.20 14.35 10.54
CA SER B 225 8.96 13.54 11.48
C SER B 225 10.37 14.05 11.71
N HIS B 226 11.05 14.56 10.68
CA HIS B 226 12.49 14.78 10.78
C HIS B 226 12.92 16.22 10.50
N SER B 227 11.99 17.17 10.63
CA SER B 227 12.27 18.59 10.55
C SER B 227 11.32 19.27 11.53
N ALA B 228 11.69 20.47 11.98
CA ALA B 228 10.79 21.27 12.81
C ALA B 228 9.59 21.72 11.97
N PRO B 229 8.50 22.14 12.62
CA PRO B 229 7.31 22.57 11.86
C PRO B 229 7.66 23.65 10.85
N ASP B 230 6.99 23.60 9.69
CA ASP B 230 7.28 24.50 8.59
C ASP B 230 5.97 25.00 8.00
N SER B 231 6.09 25.95 7.08
CA SER B 231 4.96 26.37 6.27
C SER B 231 4.68 25.31 5.19
N ARG B 232 3.68 25.59 4.37
CA ARG B 232 3.38 24.71 3.24
C ARG B 232 4.53 24.58 2.27
N ALA B 233 5.54 25.46 2.33
CA ALA B 233 6.70 25.29 1.48
C ALA B 233 7.34 23.92 1.66
N ALA B 234 7.13 23.29 2.81
CA ALA B 234 7.66 21.94 2.99
C ALA B 234 7.04 20.98 1.99
N ILE B 235 5.74 21.12 1.72
CA ILE B 235 5.08 20.23 0.79
C ILE B 235 5.63 20.48 -0.60
N THR B 236 5.69 21.76 -0.99
CA THR B 236 6.13 22.12 -2.33
C THR B 236 7.55 21.64 -2.59
N HIS B 237 8.45 21.92 -1.64
CA HIS B 237 9.84 21.53 -1.81
C HIS B 237 10.00 20.03 -1.85
N THR B 238 9.29 19.31 -0.97
CA THR B 238 9.34 17.84 -0.99
C THR B 238 8.93 17.32 -2.35
N ALA B 239 7.80 17.82 -2.85
CA ALA B 239 7.32 17.34 -4.15
C ALA B 239 8.30 17.66 -5.26
N ARG B 240 8.95 18.84 -5.20
CA ARG B 240 9.92 19.18 -6.24
C ARG B 240 11.17 18.30 -6.15
N MET B 241 11.61 17.98 -4.92
CA MET B 241 12.71 17.01 -4.80
C MET B 241 12.31 15.66 -5.39
N ALA B 242 11.09 15.24 -5.08
CA ALA B 242 10.60 13.94 -5.57
C ALA B 242 10.44 13.94 -7.08
N ASP B 243 10.02 15.08 -7.68
CA ASP B 243 9.94 15.18 -9.13
C ASP B 243 11.24 14.71 -9.78
N LYS B 244 12.37 15.07 -9.18
CA LYS B 244 13.68 14.78 -9.76
C LYS B 244 14.10 13.33 -9.64
N LEU B 245 13.36 12.53 -8.89
CA LEU B 245 13.67 11.11 -8.73
C LEU B 245 12.93 10.25 -9.76
N ARG B 246 12.07 10.84 -10.58
CA ARG B 246 11.30 10.09 -11.56
C ARG B 246 12.08 9.99 -12.86
ZN ZN C . 2.97 -6.60 -16.08
ZN ZN D . 3.15 -3.89 -13.55
S SO4 E . 13.98 -20.16 -0.13
O1 SO4 E . 14.88 -19.34 -0.97
O2 SO4 E . 12.64 -19.61 -0.24
O3 SO4 E . 13.96 -21.55 -0.60
O4 SO4 E . 14.40 -20.07 1.27
C2 A1JCK F . 3.65 -3.42 -16.73
C3 A1JCK F . 4.50 -3.68 -17.95
C5 A1JCK F . 5.64 -2.51 -19.83
C6 A1JCK F . 6.35 -3.58 -20.31
C10 A1JCK F . 9.20 -3.05 -23.36
C11 A1JCK F . 8.52 -1.98 -22.88
C12 A1JCK F . 7.56 -2.12 -21.85
C13 A1JCK F . 6.80 -1.04 -21.34
C14 A1JCK F . 5.87 -1.25 -20.36
C7 A1JCK F . 7.33 -3.43 -21.32
C8 A1JCK F . 8.07 -4.51 -21.85
C9 A1JCK F . 8.98 -4.32 -22.85
N4 A1JCK F . 4.76 -2.59 -18.72
O15 A1JCK F . 4.91 -4.80 -18.21
S1 A1JCK F . 4.06 -4.67 -15.46
H2B A1JCK F . 3.84 -2.52 -16.39
H2A A1JCK F . 2.71 -3.47 -16.96
H6 A1JCK F . 6.20 -4.48 -19.94
H10 A1JCK F . 9.86 -2.93 -24.08
H11 A1JCK F . 8.70 -1.09 -23.26
H13 A1JCK F . 6.95 -0.14 -21.68
H14 A1JCK F . 5.38 -0.46 -20.05
H8 A1JCK F . 7.92 -5.41 -21.51
H9 A1JCK F . 9.48 -5.08 -23.21
H4 A1JCK F . 4.32 -1.86 -18.50
H1 A1JCK F . 2.93 -4.77 -15.00
ZN ZN G . 10.21 5.78 7.63
C2 A1JCK H . 12.97 5.95 9.58
C3 A1JCK H . 14.36 6.48 9.91
C5 A1JCK H . 15.77 8.51 9.65
C6 A1JCK H . 16.99 7.92 9.87
C10 A1JCK H . 20.50 10.22 9.68
C11 A1JCK H . 19.29 10.82 9.51
C12 A1JCK H . 18.10 10.07 9.57
C13 A1JCK H . 16.83 10.64 9.36
C14 A1JCK H . 15.70 9.88 9.40
C7 A1JCK H . 18.19 8.68 9.84
C8 A1JCK H . 19.45 8.10 10.01
C9 A1JCK H . 20.59 8.86 9.94
N4 A1JCK H . 14.57 7.76 9.55
O15 A1JCK H . 15.20 5.76 10.45
S1 A1JCK H . 11.93 7.00 8.50
H2B A1JCK H . 13.09 5.08 9.14
H2A A1JCK H . 12.50 5.82 10.43
H6 A1JCK H . 17.04 6.96 10.05
H10 A1JCK H . 21.33 10.75 9.64
H11 A1JCK H . 19.27 11.78 9.33
H13 A1JCK H . 16.74 11.60 9.18
H14 A1JCK H . 14.85 10.33 9.25
H8 A1JCK H . 19.54 7.14 10.20
H9 A1JCK H . 21.46 8.45 10.07
H4 A1JCK H . 13.87 8.18 9.22
ZN ZN I . 11.06 8.59 9.91
#